data_6S07
#
_entry.id   6S07
#
_cell.length_a   58.409
_cell.length_b   71.939
_cell.length_c   76.733
_cell.angle_alpha   90.000
_cell.angle_beta   90.000
_cell.angle_gamma   90.000
#
_symmetry.space_group_name_H-M   'P 21 21 21'
#
loop_
_entity.id
_entity.type
_entity.pdbx_description
1 polymer 'Formylglycine-generating enzyme'
2 polymer Abz-ALA-THR-THR-PRO-LEU-CYS-GLY-PRO-SER-ARG-ALA-SER-ILE-LEU-SER-GLY-ARG
3 non-polymer 'COPPER (I) ION'
4 non-polymer 'CALCIUM ION'
5 non-polymer 'CHLORIDE ION'
6 water water
#
loop_
_entity_poly.entity_id
_entity_poly.type
_entity_poly.pdbx_seq_one_letter_code
_entity_poly.pdbx_strand_id
1 'polypeptide(L)'
;HMPSFDFDIPRRSPQEIAKGMVAIPGGTFRMGGEDPDAFPEDGEGPVRTVRLSPFLIDRYAVSNRQFAAFVKATGYVTDA
ERYGWSFVFHAHVAPGTPVMDAVVPEAPWWVAVPGAYWKAPEGPGSSITDRPNHPVVHVSWNDAVAYATWAGKRLPTEAE
WEMAARGGLDQARYPWGNELTPRGRHRCNIWQGTFPVHDTGEDGYTGTAPVNAFAPNGYGLYNVAGNVWEWCADWWSADW
HATESPATRIDPRGPETGTARVTKGGSFLCHESYCNRYRVAARTCNTPDSSAAHTGFRCAADP
;
A
2 'polypeptide(L)' (BE2)ATTPLCGPSRASILSG C
#
loop_
_chem_comp.id
_chem_comp.type
_chem_comp.name
_chem_comp.formula
CA non-polymer 'CALCIUM ION' 'Ca 2'
CL non-polymer 'CHLORIDE ION' 'Cl -1'
CU1 non-polymer 'COPPER (I) ION' 'Cu 1'
#
# COMPACT_ATOMS: atom_id res chain seq x y z
N HIS A 1 4.47 -18.41 3.56
CA HIS A 1 3.60 -18.03 4.67
C HIS A 1 2.44 -19.03 4.80
N MET A 2 2.07 -19.35 6.03
CA MET A 2 0.98 -20.29 6.32
C MET A 2 -0.02 -19.62 7.26
N PRO A 3 -1.04 -18.97 6.72
CA PRO A 3 -2.03 -18.30 7.56
C PRO A 3 -3.03 -19.29 8.14
N SER A 4 -3.74 -18.83 9.16
CA SER A 4 -4.85 -19.58 9.74
C SER A 4 -6.11 -18.72 9.67
N PHE A 5 -7.21 -19.34 9.25
CA PHE A 5 -8.49 -18.64 9.12
C PHE A 5 -9.56 -19.38 9.89
N ASP A 6 -10.61 -18.63 10.27
CA ASP A 6 -11.81 -19.19 10.89
C ASP A 6 -13.03 -19.11 9.98
N PHE A 7 -12.84 -18.98 8.67
CA PHE A 7 -13.91 -19.08 7.67
C PHE A 7 -13.46 -20.03 6.58
N ASP A 8 -14.42 -20.72 5.96
CA ASP A 8 -14.13 -21.60 4.82
C ASP A 8 -13.93 -20.75 3.57
N ILE A 9 -13.14 -21.28 2.63
CA ILE A 9 -12.85 -20.56 1.39
C ILE A 9 -13.97 -20.88 0.40
N PRO A 10 -14.73 -19.90 -0.06
CA PRO A 10 -15.86 -20.21 -0.95
C PRO A 10 -15.40 -20.56 -2.36
N ARG A 11 -16.25 -21.33 -3.04
CA ARG A 11 -16.03 -21.67 -4.43
C ARG A 11 -16.37 -20.48 -5.32
N ARG A 12 -15.48 -20.18 -6.26
CA ARG A 12 -15.66 -19.09 -7.21
C ARG A 12 -15.09 -19.48 -8.56
N SER A 13 -15.76 -19.01 -9.59
CA SER A 13 -15.37 -19.35 -10.95
C SER A 13 -14.28 -18.40 -11.43
N PRO A 14 -13.55 -18.81 -12.48
CA PRO A 14 -12.59 -17.87 -13.07
C PRO A 14 -13.22 -16.57 -13.52
N GLN A 15 -14.42 -16.60 -14.09
CA GLN A 15 -15.02 -15.35 -14.54
C GLN A 15 -15.31 -14.42 -13.38
N GLU A 16 -15.78 -14.97 -12.26
CA GLU A 16 -16.05 -14.13 -11.09
C GLU A 16 -14.77 -13.52 -10.53
N ILE A 17 -13.72 -14.33 -10.43
CA ILE A 17 -12.47 -13.84 -9.85
C ILE A 17 -11.91 -12.70 -10.71
N ALA A 18 -12.01 -12.82 -12.03
CA ALA A 18 -11.36 -11.87 -12.92
C ALA A 18 -12.10 -10.53 -13.04
N LYS A 19 -13.32 -10.41 -12.52
CA LYS A 19 -14.03 -9.15 -12.63
C LYS A 19 -13.24 -8.05 -11.95
N GLY A 20 -13.09 -6.92 -12.63
CA GLY A 20 -12.32 -5.81 -12.08
C GLY A 20 -10.83 -5.98 -12.12
N MET A 21 -10.34 -7.05 -12.74
CA MET A 21 -8.91 -7.31 -12.85
C MET A 21 -8.49 -7.16 -14.29
N VAL A 22 -7.21 -6.86 -14.49
CA VAL A 22 -6.63 -6.82 -15.82
C VAL A 22 -5.59 -7.93 -15.92
N ALA A 23 -5.50 -8.52 -17.10
CA ALA A 23 -4.56 -9.58 -17.37
C ALA A 23 -3.25 -8.96 -17.82
N ILE A 24 -2.20 -9.21 -17.07
CA ILE A 24 -0.85 -8.76 -17.41
C ILE A 24 -0.16 -9.95 -18.08
N PRO A 25 0.21 -9.86 -19.35
CA PRO A 25 0.84 -11.01 -20.01
C PRO A 25 2.22 -11.27 -19.45
N GLY A 26 2.66 -12.51 -19.57
CA GLY A 26 4.02 -12.85 -19.21
C GLY A 26 5.02 -12.09 -20.05
N GLY A 27 6.17 -11.77 -19.45
CA GLY A 27 7.20 -11.06 -20.16
C GLY A 27 8.19 -10.45 -19.18
N THR A 28 9.03 -9.56 -19.70
CA THR A 28 10.06 -8.93 -18.88
C THR A 28 9.77 -7.45 -18.70
N PHE A 29 10.38 -6.88 -17.67
CA PHE A 29 10.37 -5.44 -17.46
C PHE A 29 11.58 -5.08 -16.63
N ARG A 30 11.89 -3.80 -16.62
CA ARG A 30 13.01 -3.26 -15.84
C ARG A 30 12.50 -2.75 -14.49
N MET A 31 12.81 -3.52 -13.45
CA MET A 31 12.38 -3.26 -12.09
C MET A 31 13.44 -2.47 -11.35
N GLY A 32 13.00 -1.63 -10.41
CA GLY A 32 13.95 -0.94 -9.55
C GLY A 32 14.16 0.50 -9.98
N GLY A 33 15.01 1.17 -9.23
CA GLY A 33 15.25 2.58 -9.46
C GLY A 33 16.68 2.94 -9.15
N GLU A 34 17.16 3.97 -9.84
CA GLU A 34 18.51 4.47 -9.63
C GLU A 34 18.54 5.99 -9.54
N ASP A 35 17.47 6.57 -9.00
CA ASP A 35 17.48 7.99 -8.71
C ASP A 35 18.59 8.28 -7.71
N PRO A 36 19.47 9.25 -7.98
CA PRO A 36 20.59 9.49 -7.04
C PRO A 36 20.14 9.97 -5.67
N ASP A 37 18.91 10.46 -5.53
CA ASP A 37 18.39 10.92 -4.26
C ASP A 37 17.66 9.83 -3.47
N ALA A 38 17.57 8.61 -4.00
CA ALA A 38 16.91 7.55 -3.25
C ALA A 38 17.66 7.31 -1.94
N PHE A 39 16.92 6.96 -0.90
CA PHE A 39 17.55 6.67 0.39
C PHE A 39 18.21 5.31 0.31
N PRO A 40 19.52 5.19 0.61
CA PRO A 40 20.17 3.88 0.50
C PRO A 40 19.46 2.76 1.23
N GLU A 41 18.93 3.03 2.41
CA GLU A 41 18.30 1.99 3.21
C GLU A 41 17.04 1.43 2.57
N ASP A 42 16.48 2.11 1.56
CA ASP A 42 15.28 1.61 0.90
C ASP A 42 15.59 0.53 -0.14
N GLY A 43 16.83 0.44 -0.61
CA GLY A 43 17.17 -0.59 -1.58
C GLY A 43 16.36 -0.53 -2.86
N GLU A 44 16.20 0.66 -3.44
CA GLU A 44 15.49 0.77 -4.71
C GLU A 44 16.25 0.12 -5.84
N GLY A 45 17.58 0.08 -5.75
CA GLY A 45 18.39 -0.52 -6.79
C GLY A 45 18.76 -1.94 -6.46
N PRO A 46 19.45 -2.62 -7.38
CA PRO A 46 19.77 -2.12 -8.73
C PRO A 46 18.56 -2.16 -9.66
N VAL A 47 18.59 -1.38 -10.73
CA VAL A 47 17.67 -1.65 -11.83
C VAL A 47 18.04 -2.99 -12.43
N ARG A 48 17.03 -3.82 -12.70
CA ARG A 48 17.30 -5.16 -13.24
C ARG A 48 16.14 -5.61 -14.13
N THR A 49 16.44 -6.49 -15.08
CA THR A 49 15.40 -7.09 -15.88
C THR A 49 14.84 -8.29 -15.13
N VAL A 50 13.52 -8.33 -14.98
CA VAL A 50 12.80 -9.39 -14.30
C VAL A 50 11.80 -9.98 -15.26
N ARG A 51 11.69 -11.31 -15.27
CA ARG A 51 10.69 -12.02 -16.05
C ARG A 51 9.58 -12.49 -15.13
N LEU A 52 8.34 -12.24 -15.51
CA LEU A 52 7.17 -12.67 -14.77
C LEU A 52 6.27 -13.54 -15.62
N SER A 53 5.69 -14.54 -14.97
CA SER A 53 4.61 -15.32 -15.53
C SER A 53 3.34 -14.47 -15.62
N PRO A 54 2.43 -14.81 -16.53
CA PRO A 54 1.18 -14.04 -16.64
C PRO A 54 0.42 -14.04 -15.32
N PHE A 55 -0.25 -12.91 -15.04
CA PHE A 55 -1.02 -12.79 -13.81
C PHE A 55 -2.15 -11.80 -14.03
N LEU A 56 -3.11 -11.84 -13.14
CA LEU A 56 -4.18 -10.85 -13.08
C LEU A 56 -3.92 -9.90 -11.91
N ILE A 57 -4.33 -8.64 -12.07
CA ILE A 57 -4.19 -7.70 -10.97
C ILE A 57 -5.39 -6.76 -10.97
N ASP A 58 -5.82 -6.38 -9.77
CA ASP A 58 -6.97 -5.50 -9.62
C ASP A 58 -6.68 -4.11 -10.21
N ARG A 59 -7.65 -3.58 -10.94
CA ARG A 59 -7.56 -2.20 -11.42
C ARG A 59 -7.61 -1.21 -10.25
N TYR A 60 -8.33 -1.55 -9.19
CA TYR A 60 -8.57 -0.67 -8.08
C TYR A 60 -8.07 -1.31 -6.79
N ALA A 61 -7.59 -0.49 -5.87
CA ALA A 61 -7.41 -0.98 -4.51
C ALA A 61 -8.76 -1.47 -3.98
N VAL A 62 -8.70 -2.43 -3.06
CA VAL A 62 -9.93 -2.96 -2.46
C VAL A 62 -10.65 -1.84 -1.72
N SER A 63 -11.96 -1.72 -1.95
CA SER A 63 -12.74 -0.62 -1.41
C SER A 63 -13.39 -0.99 -0.07
N ASN A 64 -13.88 0.04 0.61
CA ASN A 64 -14.67 -0.17 1.82
C ASN A 64 -15.86 -1.10 1.57
N ARG A 65 -16.62 -0.84 0.51
CA ARG A 65 -17.80 -1.66 0.23
C ARG A 65 -17.41 -3.13 0.03
N GLN A 66 -16.29 -3.36 -0.65
CA GLN A 66 -15.83 -4.73 -0.86
C GLN A 66 -15.38 -5.37 0.43
N PHE A 67 -14.61 -4.64 1.24
CA PHE A 67 -14.15 -5.21 2.50
C PHE A 67 -15.33 -5.49 3.41
N ALA A 68 -16.32 -4.59 3.42
CA ALA A 68 -17.53 -4.81 4.21
C ALA A 68 -18.24 -6.09 3.82
N ALA A 69 -18.28 -6.42 2.53
CA ALA A 69 -18.92 -7.65 2.08
C ALA A 69 -18.17 -8.87 2.59
N PHE A 70 -16.83 -8.80 2.59
CA PHE A 70 -16.01 -9.87 3.15
C PHE A 70 -16.31 -10.07 4.63
N VAL A 71 -16.33 -8.98 5.40
CA VAL A 71 -16.61 -9.07 6.83
C VAL A 71 -18.01 -9.61 7.08
N LYS A 72 -18.99 -9.15 6.29
CA LYS A 72 -20.34 -9.66 6.48
C LYS A 72 -20.41 -11.15 6.24
N ALA A 73 -19.69 -11.65 5.23
CA ALA A 73 -19.76 -13.06 4.87
C ALA A 73 -18.99 -13.96 5.81
N THR A 74 -17.97 -13.44 6.52
CA THR A 74 -17.06 -14.29 7.27
C THR A 74 -17.02 -14.00 8.76
N GLY A 75 -17.47 -12.83 9.20
CA GLY A 75 -17.26 -12.44 10.57
C GLY A 75 -15.83 -12.05 10.90
N TYR A 76 -15.00 -11.81 9.90
CA TYR A 76 -13.59 -11.54 10.12
C TYR A 76 -13.38 -10.34 11.04
N VAL A 77 -12.50 -10.51 12.02
CA VAL A 77 -12.10 -9.44 12.94
C VAL A 77 -10.69 -8.98 12.58
N THR A 78 -10.53 -7.69 12.27
CA THR A 78 -9.23 -7.19 11.83
C THR A 78 -8.27 -7.04 13.01
N ASP A 79 -6.98 -7.03 12.66
CA ASP A 79 -5.94 -6.82 13.66
C ASP A 79 -6.19 -5.54 14.47
N ALA A 80 -6.58 -4.44 13.81
CA ALA A 80 -6.83 -3.20 14.54
C ALA A 80 -7.94 -3.36 15.58
N GLU A 81 -8.95 -4.15 15.28
CA GLU A 81 -10.03 -4.39 16.24
C GLU A 81 -9.54 -5.24 17.39
N ARG A 82 -8.72 -6.25 17.12
CA ARG A 82 -8.16 -7.08 18.19
C ARG A 82 -7.28 -6.26 19.11
N TYR A 83 -6.40 -5.44 18.54
CA TYR A 83 -5.52 -4.60 19.35
C TYR A 83 -6.28 -3.48 20.03
N GLY A 84 -7.35 -3.01 19.40
CA GLY A 84 -8.14 -1.92 19.93
C GLY A 84 -7.69 -0.54 19.53
N TRP A 85 -6.71 -0.41 18.63
CA TRP A 85 -6.27 0.91 18.19
C TRP A 85 -5.59 0.78 16.84
N SER A 86 -5.46 1.91 16.15
CA SER A 86 -4.72 1.97 14.90
C SER A 86 -4.16 3.38 14.74
N PHE A 87 -3.29 3.55 13.73
CA PHE A 87 -2.60 4.83 13.51
C PHE A 87 -3.41 5.76 12.61
N VAL A 88 -3.57 7.02 13.06
CA VAL A 88 -4.30 8.05 12.35
C VAL A 88 -3.38 9.26 12.23
N PHE A 89 -3.44 9.96 11.10
CA PHE A 89 -2.64 11.16 10.95
C PHE A 89 -3.20 12.27 11.83
N HIS A 90 -2.30 13.04 12.44
CA HIS A 90 -2.68 13.97 13.49
C HIS A 90 -3.78 14.94 13.05
N ALA A 91 -3.70 15.43 11.81
CA ALA A 91 -4.66 16.43 11.36
C ALA A 91 -6.07 15.89 11.24
N HIS A 92 -6.22 14.57 11.23
CA HIS A 92 -7.51 13.93 11.04
C HIS A 92 -8.16 13.45 12.32
N VAL A 93 -7.51 13.63 13.46
CA VAL A 93 -8.07 13.26 14.75
C VAL A 93 -8.93 14.41 15.24
N ALA A 94 -10.23 14.15 15.41
CA ALA A 94 -11.11 15.19 15.91
C ALA A 94 -10.72 15.58 17.33
N PRO A 95 -10.71 16.89 17.64
CA PRO A 95 -10.40 17.32 19.01
C PRO A 95 -11.28 16.60 20.04
N GLY A 96 -10.65 16.18 21.13
CA GLY A 96 -11.32 15.45 22.19
C GLY A 96 -11.31 13.94 22.05
N THR A 97 -11.06 13.42 20.84
CA THR A 97 -11.00 11.98 20.67
C THR A 97 -9.96 11.40 21.64
N PRO A 98 -10.28 10.35 22.37
CA PRO A 98 -9.26 9.75 23.25
C PRO A 98 -8.09 9.27 22.39
N VAL A 99 -6.88 9.61 22.80
CA VAL A 99 -5.68 9.18 22.09
C VAL A 99 -4.67 8.63 23.08
N MET A 100 -3.86 7.70 22.60
CA MET A 100 -2.78 7.14 23.39
C MET A 100 -1.58 8.08 23.37
N ASP A 101 -0.75 7.97 24.42
CA ASP A 101 0.48 8.74 24.47
C ASP A 101 1.58 8.18 23.57
N ALA A 102 1.27 7.14 22.80
CA ALA A 102 2.29 6.42 22.05
C ALA A 102 3.01 7.33 21.06
N VAL A 103 4.30 7.05 20.87
CA VAL A 103 5.18 7.82 20.00
C VAL A 103 5.79 6.88 18.97
N VAL A 104 5.55 7.15 17.69
CA VAL A 104 6.32 6.52 16.64
C VAL A 104 7.62 7.31 16.53
N PRO A 105 8.77 6.72 16.83
CA PRO A 105 10.01 7.50 16.79
C PRO A 105 10.19 8.16 15.43
N GLU A 106 10.54 9.44 15.46
CA GLU A 106 10.84 10.25 14.29
C GLU A 106 9.59 10.69 13.54
N ALA A 107 8.38 10.29 13.95
CA ALA A 107 7.17 10.57 13.16
C ALA A 107 6.05 10.97 14.10
N PRO A 108 6.15 12.14 14.72
CA PRO A 108 5.15 12.56 15.72
C PRO A 108 3.79 12.85 15.15
N TRP A 109 3.67 12.92 13.82
CA TRP A 109 2.39 13.14 13.17
C TRP A 109 1.49 11.93 13.20
N TRP A 110 2.01 10.74 13.56
CA TRP A 110 1.17 9.55 13.70
C TRP A 110 0.63 9.46 15.12
N VAL A 111 -0.68 9.25 15.24
CA VAL A 111 -1.35 9.16 16.53
C VAL A 111 -1.95 7.76 16.65
N ALA A 112 -1.69 7.10 17.77
CA ALA A 112 -2.35 5.83 18.06
C ALA A 112 -3.70 6.14 18.70
N VAL A 113 -4.76 5.76 18.00
CA VAL A 113 -6.13 6.12 18.38
C VAL A 113 -6.93 4.89 18.76
N PRO A 114 -7.29 4.73 20.03
CA PRO A 114 -8.19 3.64 20.40
C PRO A 114 -9.47 3.69 19.57
N GLY A 115 -9.88 2.54 19.07
CA GLY A 115 -11.13 2.47 18.34
C GLY A 115 -11.06 2.90 16.88
N ALA A 116 -9.90 3.31 16.38
CA ALA A 116 -9.76 3.55 14.95
C ALA A 116 -9.61 2.20 14.24
N TYR A 117 -10.42 1.97 13.22
CA TYR A 117 -10.37 0.73 12.45
C TYR A 117 -11.04 1.01 11.12
N TRP A 118 -11.15 -0.03 10.28
CA TRP A 118 -11.54 0.22 8.89
C TRP A 118 -12.88 0.94 8.78
N LYS A 119 -13.84 0.63 9.66
CA LYS A 119 -15.16 1.24 9.57
C LYS A 119 -15.26 2.57 10.31
N ALA A 120 -14.26 2.93 11.10
CA ALA A 120 -14.22 4.19 11.83
C ALA A 120 -12.80 4.74 11.71
N PRO A 121 -12.44 5.27 10.55
CA PRO A 121 -11.01 5.46 10.24
C PRO A 121 -10.31 6.57 11.00
N GLU A 122 -11.06 7.46 11.64
CA GLU A 122 -10.46 8.49 12.48
C GLU A 122 -10.74 8.25 13.96
N GLY A 123 -11.27 7.09 14.31
CA GLY A 123 -11.56 6.79 15.69
C GLY A 123 -13.04 6.86 15.98
N PRO A 124 -13.41 6.64 17.25
CA PRO A 124 -14.84 6.64 17.63
C PRO A 124 -15.50 7.94 17.20
N GLY A 125 -16.69 7.82 16.61
CA GLY A 125 -17.42 8.95 16.09
C GLY A 125 -17.28 9.13 14.59
N SER A 126 -16.28 8.52 13.98
CA SER A 126 -16.11 8.58 12.53
C SER A 126 -16.73 7.36 11.89
N SER A 127 -16.96 7.45 10.59
CA SER A 127 -17.60 6.37 9.87
C SER A 127 -17.15 6.41 8.42
N ILE A 128 -17.63 5.45 7.63
CA ILE A 128 -17.32 5.39 6.20
C ILE A 128 -18.57 5.58 5.36
N THR A 129 -19.62 6.15 5.94
CA THR A 129 -20.87 6.34 5.23
C THR A 129 -20.68 7.09 3.91
N ASP A 130 -19.74 8.03 3.86
CA ASP A 130 -19.49 8.81 2.65
C ASP A 130 -18.26 8.33 1.90
N ARG A 131 -17.78 7.14 2.21
CA ARG A 131 -16.56 6.61 1.59
C ARG A 131 -16.71 5.16 1.12
N PRO A 132 -17.87 4.75 0.59
CA PRO A 132 -17.99 3.33 0.19
C PRO A 132 -16.99 2.91 -0.88
N ASN A 133 -16.63 3.82 -1.79
CA ASN A 133 -15.71 3.50 -2.87
C ASN A 133 -14.31 4.04 -2.63
N HIS A 134 -13.98 4.43 -1.41
CA HIS A 134 -12.60 4.71 -1.06
C HIS A 134 -11.87 3.41 -0.73
N PRO A 135 -10.54 3.40 -0.82
CA PRO A 135 -9.79 2.22 -0.41
C PRO A 135 -10.04 1.93 1.06
N VAL A 136 -10.20 0.66 1.39
CA VAL A 136 -10.23 0.27 2.79
C VAL A 136 -8.86 0.53 3.40
N VAL A 137 -8.85 1.10 4.62
CA VAL A 137 -7.62 1.35 5.35
C VAL A 137 -7.73 0.73 6.73
N HIS A 138 -6.68 0.89 7.53
CA HIS A 138 -6.57 0.19 8.81
C HIS A 138 -6.65 -1.31 8.65
N VAL A 139 -6.20 -1.82 7.51
CA VAL A 139 -6.09 -3.24 7.25
C VAL A 139 -4.62 -3.61 7.26
N SER A 140 -4.30 -4.61 8.06
CA SER A 140 -2.94 -5.10 8.16
C SER A 140 -2.64 -6.05 7.00
N TRP A 141 -1.40 -6.50 6.93
CA TRP A 141 -1.03 -7.51 5.94
C TRP A 141 -1.82 -8.78 6.17
N ASN A 142 -2.00 -9.19 7.43
CA ASN A 142 -2.81 -10.37 7.72
C ASN A 142 -4.24 -10.20 7.21
N ASP A 143 -4.83 -9.02 7.46
CA ASP A 143 -6.20 -8.76 7.02
C ASP A 143 -6.29 -8.83 5.49
N ALA A 144 -5.29 -8.26 4.82
CA ALA A 144 -5.25 -8.25 3.36
C ALA A 144 -5.18 -9.67 2.81
N VAL A 145 -4.32 -10.51 3.40
CA VAL A 145 -4.23 -11.90 2.95
C VAL A 145 -5.52 -12.64 3.21
N ALA A 146 -6.18 -12.37 4.33
CA ALA A 146 -7.46 -13.02 4.61
C ALA A 146 -8.50 -12.65 3.56
N TYR A 147 -8.64 -11.35 3.28
CA TYR A 147 -9.55 -10.91 2.24
C TYR A 147 -9.20 -11.59 0.91
N ALA A 148 -7.93 -11.49 0.52
CA ALA A 148 -7.54 -12.00 -0.79
C ALA A 148 -7.86 -13.48 -0.89
N THR A 149 -7.58 -14.24 0.16
CA THR A 149 -7.84 -15.68 0.11
C THR A 149 -9.33 -15.97 0.01
N TRP A 150 -10.14 -15.24 0.77
CA TRP A 150 -11.59 -15.38 0.67
C TRP A 150 -12.07 -15.09 -0.74
N ALA A 151 -11.47 -14.08 -1.38
CA ALA A 151 -11.85 -13.64 -2.72
C ALA A 151 -11.34 -14.55 -3.83
N GLY A 152 -10.54 -15.56 -3.51
CA GLY A 152 -9.97 -16.43 -4.52
C GLY A 152 -8.72 -15.90 -5.15
N LYS A 153 -8.01 -15.02 -4.43
CA LYS A 153 -6.92 -14.23 -4.96
C LYS A 153 -5.74 -14.31 -3.99
N ARG A 154 -4.78 -13.40 -4.15
CA ARG A 154 -3.59 -13.34 -3.32
C ARG A 154 -3.05 -11.92 -3.40
N LEU A 155 -2.05 -11.61 -2.58
CA LEU A 155 -1.37 -10.34 -2.76
C LEU A 155 -0.38 -10.43 -3.91
N PRO A 156 -0.15 -9.34 -4.63
CA PRO A 156 0.89 -9.36 -5.65
C PRO A 156 2.26 -9.43 -5.00
N THR A 157 3.21 -10.05 -5.70
CA THR A 157 4.60 -9.86 -5.32
C THR A 157 4.99 -8.42 -5.62
N GLU A 158 6.11 -7.98 -5.05
CA GLU A 158 6.60 -6.64 -5.36
C GLU A 158 6.84 -6.48 -6.85
N ALA A 159 7.41 -7.50 -7.49
CA ALA A 159 7.69 -7.40 -8.92
C ALA A 159 6.40 -7.33 -9.73
N GLU A 160 5.40 -8.14 -9.38
CA GLU A 160 4.11 -8.07 -10.07
C GLU A 160 3.49 -6.69 -9.89
N TRP A 161 3.49 -6.19 -8.66
CA TRP A 161 2.94 -4.88 -8.39
C TRP A 161 3.64 -3.84 -9.28
N GLU A 162 4.97 -3.88 -9.31
CA GLU A 162 5.70 -2.83 -10.02
C GLU A 162 5.52 -2.97 -11.54
N MET A 163 5.52 -4.19 -12.07
CA MET A 163 5.27 -4.34 -13.52
C MET A 163 3.93 -3.73 -13.86
N ALA A 164 2.91 -4.09 -13.10
CA ALA A 164 1.57 -3.59 -13.40
C ALA A 164 1.49 -2.08 -13.22
N ALA A 165 2.10 -1.56 -12.16
CA ALA A 165 2.02 -0.12 -11.89
C ALA A 165 2.77 0.69 -12.93
N ARG A 166 3.84 0.14 -13.50
CA ARG A 166 4.59 0.86 -14.52
C ARG A 166 3.80 0.97 -15.83
N GLY A 167 2.83 0.11 -16.06
CA GLY A 167 1.89 0.32 -17.15
C GLY A 167 2.52 0.39 -18.52
N GLY A 168 3.52 -0.43 -18.78
CA GLY A 168 4.09 -0.53 -20.10
C GLY A 168 5.12 0.51 -20.46
N LEU A 169 5.55 1.33 -19.50
CA LEU A 169 6.62 2.30 -19.71
C LEU A 169 7.91 1.74 -19.15
N ASP A 170 9.01 2.03 -19.84
CA ASP A 170 10.33 1.54 -19.46
C ASP A 170 11.03 2.57 -18.57
N GLN A 171 11.11 2.29 -17.27
CA GLN A 171 11.90 3.10 -16.35
C GLN A 171 11.47 4.57 -16.34
N ALA A 172 10.16 4.79 -16.37
CA ALA A 172 9.62 6.11 -16.09
C ALA A 172 9.59 6.34 -14.59
N ARG A 173 9.50 7.61 -14.21
CA ARG A 173 9.52 7.96 -12.80
C ARG A 173 8.20 7.58 -12.12
N TYR A 174 7.09 7.80 -12.82
CA TYR A 174 5.73 7.62 -12.31
C TYR A 174 4.99 6.64 -13.21
N PRO A 175 3.82 6.17 -12.79
CA PRO A 175 3.05 5.24 -13.63
C PRO A 175 2.74 5.77 -15.02
N TRP A 176 2.62 7.10 -15.17
CA TRP A 176 2.19 7.74 -16.41
C TRP A 176 3.31 8.38 -17.21
N GLY A 177 4.52 8.46 -16.68
CA GLY A 177 5.61 9.16 -17.34
C GLY A 177 6.53 9.80 -16.32
N ASN A 178 7.27 10.84 -16.75
CA ASN A 178 8.32 11.42 -15.92
C ASN A 178 7.94 12.74 -15.24
N GLU A 179 6.85 13.38 -15.62
CA GLU A 179 6.42 14.63 -15.01
C GLU A 179 5.34 14.35 -13.99
N LEU A 180 5.40 15.04 -12.85
CA LEU A 180 4.43 14.79 -11.79
C LEU A 180 3.04 15.28 -12.16
N THR A 181 2.94 16.47 -12.74
CA THR A 181 1.65 17.04 -13.16
C THR A 181 1.74 17.45 -14.62
N PRO A 182 1.77 16.49 -15.53
CA PRO A 182 1.85 16.84 -16.95
C PRO A 182 0.62 17.63 -17.38
N ARG A 183 0.84 18.65 -18.20
CA ARG A 183 -0.21 19.55 -18.66
C ARG A 183 -0.92 20.26 -17.50
N GLY A 184 -0.24 20.37 -16.36
CA GLY A 184 -0.80 21.00 -15.17
C GLY A 184 -1.88 20.21 -14.48
N ARG A 185 -2.04 18.93 -14.80
CA ARG A 185 -3.11 18.11 -14.24
C ARG A 185 -2.53 17.23 -13.15
N HIS A 186 -3.22 17.18 -12.01
CA HIS A 186 -2.86 16.21 -10.99
C HIS A 186 -3.23 14.81 -11.47
N ARG A 187 -2.32 13.88 -11.24
CA ARG A 187 -2.44 12.51 -11.70
C ARG A 187 -2.51 11.51 -10.56
N CYS A 188 -2.36 11.98 -9.32
CA CYS A 188 -2.37 11.11 -8.15
C CYS A 188 -2.64 11.97 -6.93
N ASN A 189 -3.00 11.28 -5.85
CA ASN A 189 -3.35 11.91 -4.58
C ASN A 189 -2.18 11.75 -3.61
N ILE A 190 -1.37 12.81 -3.51
CA ILE A 190 -0.26 12.88 -2.57
C ILE A 190 -0.42 14.18 -1.79
N TRP A 191 0.61 14.59 -1.05
CA TRP A 191 0.52 15.83 -0.28
C TRP A 191 0.94 16.99 -1.17
N GLN A 192 0.30 18.15 -1.01
CA GLN A 192 0.84 19.40 -1.51
C GLN A 192 0.92 20.38 -0.34
N GLY A 193 1.95 21.21 -0.37
CA GLY A 193 2.15 22.18 0.68
C GLY A 193 3.39 21.88 1.51
N THR A 194 3.23 22.01 2.82
CA THR A 194 4.34 21.97 3.76
C THR A 194 4.10 20.79 4.71
N PHE A 195 4.80 19.69 4.50
CA PHE A 195 4.57 18.50 5.32
C PHE A 195 5.34 18.62 6.62
N PRO A 196 4.73 18.31 7.79
CA PRO A 196 3.39 17.76 8.04
C PRO A 196 2.37 18.80 8.51
N VAL A 197 2.67 20.07 8.28
CA VAL A 197 1.94 21.18 8.89
C VAL A 197 0.65 21.49 8.15
N HIS A 198 0.70 21.54 6.81
CA HIS A 198 -0.46 21.99 6.05
C HIS A 198 -0.48 21.33 4.69
N ASP A 199 -1.56 20.61 4.41
CA ASP A 199 -1.84 20.03 3.10
C ASP A 199 -2.83 20.94 2.39
N THR A 200 -2.41 21.50 1.26
CA THR A 200 -3.25 22.44 0.52
C THR A 200 -4.39 21.76 -0.21
N GLY A 201 -4.31 20.45 -0.42
CA GLY A 201 -5.37 19.76 -1.13
C GLY A 201 -5.51 20.16 -2.58
N GLU A 202 -4.42 20.60 -3.22
CA GLU A 202 -4.49 21.05 -4.60
C GLU A 202 -5.01 19.94 -5.53
N ASP A 203 -4.67 18.68 -5.25
CA ASP A 203 -5.12 17.57 -6.07
C ASP A 203 -6.55 17.16 -5.79
N GLY A 204 -7.25 17.86 -4.90
CA GLY A 204 -8.64 17.61 -4.60
C GLY A 204 -8.91 16.92 -3.28
N TYR A 205 -7.88 16.36 -2.62
CA TYR A 205 -8.08 15.47 -1.48
C TYR A 205 -7.01 15.70 -0.44
N THR A 206 -7.41 15.85 0.82
CA THR A 206 -6.47 15.85 1.93
C THR A 206 -6.58 14.58 2.76
N GLY A 207 -7.33 13.60 2.26
CA GLY A 207 -7.37 12.26 2.81
C GLY A 207 -7.41 11.31 1.64
N THR A 208 -7.92 10.10 1.85
CA THR A 208 -8.08 9.19 0.74
C THR A 208 -9.08 9.75 -0.27
N ALA A 209 -8.91 9.32 -1.52
CA ALA A 209 -9.81 9.56 -2.62
C ALA A 209 -10.48 8.26 -3.03
N PRO A 210 -11.58 8.34 -3.77
CA PRO A 210 -12.17 7.11 -4.32
C PRO A 210 -11.14 6.32 -5.11
N VAL A 211 -11.31 4.99 -5.11
CA VAL A 211 -10.35 4.11 -5.76
C VAL A 211 -10.25 4.35 -7.27
N ASN A 212 -11.25 4.97 -7.89
CA ASN A 212 -11.25 5.25 -9.31
C ASN A 212 -10.89 6.69 -9.63
N ALA A 213 -10.34 7.44 -8.67
CA ALA A 213 -9.95 8.82 -8.94
C ALA A 213 -8.77 8.85 -9.90
N PHE A 214 -8.68 9.95 -10.65
CA PHE A 214 -7.61 10.25 -11.59
C PHE A 214 -7.59 9.29 -12.76
N ALA A 215 -6.80 9.60 -13.78
CA ALA A 215 -6.70 8.74 -14.93
C ALA A 215 -5.96 7.45 -14.55
N PRO A 216 -6.27 6.35 -15.20
CA PRO A 216 -5.49 5.11 -14.99
C PRO A 216 -4.15 5.18 -15.71
N ASN A 217 -3.32 4.16 -15.45
CA ASN A 217 -2.08 3.99 -16.21
C ASN A 217 -2.37 3.22 -17.50
N GLY A 218 -1.32 2.89 -18.24
CA GLY A 218 -1.48 2.31 -19.56
C GLY A 218 -2.04 0.92 -19.55
N TYR A 219 -2.06 0.27 -18.39
CA TYR A 219 -2.66 -1.04 -18.26
C TYR A 219 -4.04 -0.98 -17.61
N GLY A 220 -4.54 0.20 -17.29
CA GLY A 220 -5.86 0.32 -16.71
C GLY A 220 -5.91 0.29 -15.20
N LEU A 221 -4.77 0.47 -14.52
CA LEU A 221 -4.75 0.51 -13.06
C LEU A 221 -4.85 1.93 -12.55
N TYR A 222 -5.60 2.09 -11.47
CA TYR A 222 -5.89 3.38 -10.87
C TYR A 222 -5.18 3.51 -9.52
N ASN A 223 -4.60 4.68 -9.29
CA ASN A 223 -4.04 5.06 -8.00
C ASN A 223 -2.99 4.07 -7.51
N VAL A 224 -2.18 3.57 -8.43
CA VAL A 224 -0.98 2.85 -8.01
C VAL A 224 0.01 3.78 -7.34
N ALA A 225 0.15 5.01 -7.84
CA ALA A 225 0.89 6.06 -7.15
C ALA A 225 -0.08 6.86 -6.28
N GLY A 226 0.30 7.07 -5.03
CA GLY A 226 -0.50 7.87 -4.13
C GLY A 226 -1.72 7.13 -3.61
N ASN A 227 -2.55 7.91 -2.90
CA ASN A 227 -3.77 7.44 -2.27
C ASN A 227 -3.44 6.60 -1.04
N VAL A 228 -3.20 5.29 -1.18
CA VAL A 228 -2.79 4.48 -0.05
C VAL A 228 -1.57 3.62 -0.42
N TRP A 229 -0.70 3.41 0.55
CA TRP A 229 0.28 2.34 0.45
C TRP A 229 -0.45 1.02 0.22
N GLU A 230 0.20 0.11 -0.50
CA GLU A 230 -0.42 -1.16 -0.83
C GLU A 230 0.48 -2.32 -0.42
N TRP A 231 -0.05 -3.21 0.40
CA TRP A 231 0.68 -4.39 0.84
C TRP A 231 1.00 -5.31 -0.33
N CYS A 232 2.23 -5.83 -0.34
CA CYS A 232 2.65 -6.88 -1.26
C CYS A 232 3.01 -8.12 -0.47
N ALA A 233 3.20 -9.23 -1.19
CA ALA A 233 3.42 -10.52 -0.56
C ALA A 233 4.79 -10.62 0.10
N ASP A 234 5.79 -9.92 -0.43
CA ASP A 234 7.19 -10.20 -0.11
C ASP A 234 7.58 -9.74 1.30
N TRP A 235 8.43 -10.53 1.95
CA TRP A 235 9.22 -10.00 3.04
C TRP A 235 10.15 -8.90 2.53
N TRP A 236 10.33 -7.86 3.35
CA TRP A 236 11.23 -6.77 3.04
C TRP A 236 12.69 -7.13 3.25
N SER A 237 13.52 -6.72 2.31
N SER A 237 13.51 -6.68 2.32
CA SER A 237 14.93 -6.49 2.59
CA SER A 237 14.97 -6.63 2.43
C SER A 237 15.38 -5.36 1.69
C SER A 237 15.43 -5.44 1.60
N ALA A 238 16.55 -4.82 1.99
CA ALA A 238 17.15 -3.80 1.16
C ALA A 238 18.10 -4.37 0.12
N ASP A 239 18.47 -5.66 0.24
CA ASP A 239 19.56 -6.16 -0.59
C ASP A 239 19.40 -7.57 -1.14
N TRP A 240 18.35 -8.32 -0.79
CA TRP A 240 18.19 -9.66 -1.35
C TRP A 240 18.21 -9.62 -2.88
N HIS A 241 17.58 -8.61 -3.46
CA HIS A 241 17.43 -8.48 -4.90
C HIS A 241 18.67 -7.93 -5.59
N ALA A 242 19.74 -7.63 -4.85
CA ALA A 242 21.00 -7.26 -5.47
C ALA A 242 21.73 -8.45 -6.06
N THR A 243 21.43 -9.65 -5.61
CA THR A 243 22.00 -10.86 -6.20
C THR A 243 21.42 -11.08 -7.59
N GLU A 244 22.24 -11.57 -8.52
CA GLU A 244 21.76 -11.88 -9.88
C GLU A 244 21.62 -13.40 -10.03
N SER A 245 20.39 -13.91 -9.90
CA SER A 245 20.15 -15.35 -9.92
C SER A 245 18.74 -15.59 -10.44
N PRO A 246 18.41 -16.83 -10.80
CA PRO A 246 17.01 -17.10 -11.17
C PRO A 246 16.01 -16.74 -10.08
N ALA A 247 16.36 -16.99 -8.82
CA ALA A 247 15.43 -16.68 -7.74
C ALA A 247 15.14 -15.19 -7.63
N THR A 248 16.07 -14.32 -8.02
CA THR A 248 15.85 -12.88 -7.90
C THR A 248 15.43 -12.25 -9.21
N ARG A 249 15.41 -13.00 -10.32
CA ARG A 249 15.13 -12.42 -11.62
C ARG A 249 13.99 -13.08 -12.38
N ILE A 250 13.49 -14.23 -11.95
CA ILE A 250 12.38 -14.93 -12.59
C ILE A 250 11.31 -15.15 -11.52
N ASP A 251 10.14 -14.53 -11.69
CA ASP A 251 9.07 -14.64 -10.70
C ASP A 251 9.61 -14.48 -9.27
N PRO A 252 10.38 -13.43 -8.99
CA PRO A 252 11.01 -13.32 -7.68
C PRO A 252 9.99 -13.15 -6.57
N ARG A 253 10.23 -13.84 -5.47
CA ARG A 253 9.32 -13.83 -4.33
C ARG A 253 9.85 -13.06 -3.14
N GLY A 254 11.08 -12.57 -3.20
CA GLY A 254 11.70 -11.92 -2.07
C GLY A 254 12.32 -12.94 -1.11
N PRO A 255 12.96 -12.45 -0.06
CA PRO A 255 13.64 -13.38 0.87
C PRO A 255 12.64 -14.28 1.58
N GLU A 256 13.14 -15.44 2.01
CA GLU A 256 12.27 -16.44 2.61
C GLU A 256 11.85 -16.07 4.02
N THR A 257 12.61 -15.21 4.70
CA THR A 257 12.30 -14.79 6.06
C THR A 257 12.41 -13.28 6.12
N GLY A 258 11.83 -12.70 7.16
CA GLY A 258 11.88 -11.26 7.35
C GLY A 258 11.09 -10.87 8.56
N THR A 259 11.00 -9.56 8.78
CA THR A 259 10.25 -8.99 9.90
C THR A 259 9.14 -8.05 9.45
N ALA A 260 9.26 -7.48 8.28
CA ALA A 260 8.27 -6.55 7.77
C ALA A 260 7.95 -6.94 6.34
N ARG A 261 6.73 -6.68 5.90
CA ARG A 261 6.31 -6.96 4.55
C ARG A 261 6.35 -5.68 3.71
N VAL A 262 6.62 -5.86 2.41
CA VAL A 262 6.76 -4.74 1.49
C VAL A 262 5.42 -4.02 1.30
N THR A 263 5.51 -2.69 1.23
CA THR A 263 4.41 -1.84 0.79
C THR A 263 4.88 -0.97 -0.36
N LYS A 264 4.00 -0.76 -1.34
CA LYS A 264 4.33 -0.01 -2.55
C LYS A 264 3.34 1.11 -2.81
N GLY A 265 3.82 2.13 -3.52
CA GLY A 265 2.96 3.07 -4.21
C GLY A 265 2.88 4.47 -3.61
N GLY A 266 3.21 4.64 -2.35
CA GLY A 266 3.01 5.92 -1.70
C GLY A 266 1.54 6.18 -1.37
N SER A 267 1.30 7.28 -0.66
CA SER A 267 -0.03 7.57 -0.13
C SER A 267 -0.31 9.07 -0.23
N PHE A 268 -1.51 9.44 0.24
CA PHE A 268 -1.93 10.82 0.29
C PHE A 268 -1.04 11.69 1.17
N LEU A 269 -0.19 11.09 2.00
CA LEU A 269 0.73 11.84 2.85
C LEU A 269 2.11 12.06 2.23
N CYS A 270 2.45 11.34 1.17
CA CYS A 270 3.82 11.42 0.67
C CYS A 270 4.09 12.77 0.00
N HIS A 271 5.33 13.23 0.12
CA HIS A 271 5.71 14.53 -0.43
C HIS A 271 7.19 14.54 -0.77
N GLU A 272 7.55 15.28 -1.82
CA GLU A 272 8.93 15.30 -2.29
C GLU A 272 9.89 15.82 -1.24
N SER A 273 9.45 16.72 -0.36
CA SER A 273 10.36 17.33 0.59
C SER A 273 10.60 16.44 1.80
N TYR A 274 9.83 15.37 1.96
CA TYR A 274 10.04 14.46 3.07
C TYR A 274 10.51 13.12 2.52
N CYS A 275 9.57 12.26 2.15
CA CYS A 275 9.90 10.88 1.78
C CYS A 275 10.17 10.70 0.30
N ASN A 276 9.53 11.48 -0.56
CA ASN A 276 9.66 11.33 -2.00
C ASN A 276 9.33 9.89 -2.46
N ARG A 277 8.38 9.22 -1.79
CA ARG A 277 8.15 7.79 -2.02
C ARG A 277 6.92 7.48 -2.88
N TYR A 278 6.47 8.42 -3.70
CA TYR A 278 5.38 8.16 -4.64
C TYR A 278 5.87 7.89 -6.06
N ARG A 279 7.18 7.82 -6.28
CA ARG A 279 7.76 7.31 -7.52
C ARG A 279 7.52 5.81 -7.59
N VAL A 280 7.33 5.28 -8.81
CA VAL A 280 6.92 3.88 -8.93
C VAL A 280 8.00 2.90 -8.47
N ALA A 281 9.28 3.27 -8.51
CA ALA A 281 10.33 2.41 -7.99
C ALA A 281 10.42 2.41 -6.47
N ALA A 282 9.76 3.35 -5.82
CA ALA A 282 9.91 3.50 -4.38
C ALA A 282 9.35 2.29 -3.66
N ARG A 283 9.76 2.13 -2.41
CA ARG A 283 9.36 0.97 -1.64
C ARG A 283 9.62 1.24 -0.16
N THR A 284 8.77 0.70 0.69
CA THR A 284 9.06 0.63 2.11
C THR A 284 8.39 -0.63 2.65
N CYS A 285 8.16 -0.66 3.96
CA CYS A 285 7.65 -1.86 4.59
C CYS A 285 6.92 -1.49 5.87
N ASN A 286 6.20 -2.47 6.41
CA ASN A 286 5.61 -2.34 7.73
C ASN A 286 5.44 -3.75 8.28
N THR A 287 5.39 -3.85 9.60
CA THR A 287 5.23 -5.17 10.20
C THR A 287 3.81 -5.69 9.94
N PRO A 288 3.63 -7.00 9.81
CA PRO A 288 2.41 -7.51 9.17
C PRO A 288 1.12 -7.36 9.96
N ASP A 289 1.18 -7.16 11.27
CA ASP A 289 -0.05 -6.88 12.01
C ASP A 289 -0.28 -5.38 12.23
N SER A 290 0.52 -4.53 11.61
CA SER A 290 0.32 -3.09 11.74
C SER A 290 -0.73 -2.60 10.77
N SER A 291 -1.35 -1.48 11.13
CA SER A 291 -2.39 -0.87 10.33
C SER A 291 -2.35 0.63 10.47
N ALA A 292 -2.85 1.33 9.46
CA ALA A 292 -2.77 2.78 9.48
C ALA A 292 -3.79 3.33 8.49
N ALA A 293 -4.09 4.62 8.69
CA ALA A 293 -5.10 5.32 7.91
C ALA A 293 -4.72 5.54 6.46
N HIS A 294 -3.46 5.26 6.09
CA HIS A 294 -2.98 5.51 4.73
C HIS A 294 -2.51 4.24 4.05
N THR A 295 -2.90 3.06 4.54
CA THR A 295 -2.42 1.80 4.01
C THR A 295 -3.59 0.86 3.74
N GLY A 296 -3.62 0.35 2.51
CA GLY A 296 -4.60 -0.61 2.03
C GLY A 296 -3.93 -1.65 1.16
N PHE A 297 -4.63 -2.11 0.13
CA PHE A 297 -4.08 -3.16 -0.73
C PHE A 297 -4.93 -3.34 -1.96
N ARG A 298 -4.33 -3.97 -2.97
CA ARG A 298 -5.03 -4.53 -4.11
C ARG A 298 -4.62 -5.98 -4.28
N CYS A 299 -5.46 -6.77 -4.94
CA CYS A 299 -5.19 -8.19 -5.09
C CYS A 299 -4.66 -8.52 -6.47
N ALA A 300 -3.96 -9.66 -6.54
CA ALA A 300 -3.54 -10.32 -7.77
C ALA A 300 -4.14 -11.71 -7.82
N ALA A 301 -4.00 -12.38 -8.95
CA ALA A 301 -4.52 -13.72 -9.06
C ALA A 301 -3.78 -14.45 -10.17
N ASP A 302 -3.72 -15.75 -10.03
CA ASP A 302 -3.21 -16.60 -11.09
C ASP A 302 -4.34 -16.93 -12.06
N PRO A 303 -4.18 -16.72 -13.37
CA PRO A 303 -5.28 -17.03 -14.29
C PRO A 303 -5.60 -18.51 -14.32
C BE2 B 1 17.09 13.43 7.55
O BE2 B 1 18.07 12.93 7.05
C1 BE2 B 1 15.89 13.81 6.81
CA BE2 B 1 15.78 13.61 5.42
C3 BE2 B 1 14.62 14.03 4.77
N BE2 B 1 16.80 12.99 4.71
C4 BE2 B 1 13.59 14.62 5.46
C5 BE2 B 1 13.68 14.81 6.82
C6 BE2 B 1 14.83 14.42 7.49
N ALA B 2 17.13 13.59 8.97
CA ALA B 2 18.37 13.30 9.69
C ALA B 2 18.71 11.81 9.64
N THR B 3 17.72 10.94 9.40
N THR B 3 17.62 11.03 9.71
CA THR B 3 18.06 9.53 9.22
CA THR B 3 17.60 9.60 9.48
C THR B 3 17.52 8.99 7.89
C THR B 3 16.53 9.35 8.42
N THR B 4 16.49 8.14 7.94
CA THR B 4 15.68 7.84 6.78
C THR B 4 14.23 8.18 7.05
N PRO B 5 13.56 8.94 6.20
CA PRO B 5 12.14 9.24 6.42
C PRO B 5 11.31 7.98 6.60
N LEU B 6 10.26 8.10 7.41
CA LEU B 6 9.41 6.98 7.80
C LEU B 6 8.02 7.20 7.22
N CYS B 7 7.57 6.26 6.39
CA CYS B 7 6.20 6.25 5.89
C CYS B 7 5.34 5.14 6.48
N GLY B 8 5.93 4.08 7.03
CA GLY B 8 5.16 2.97 7.57
C GLY B 8 5.30 2.87 9.08
N PRO B 9 4.31 3.36 9.83
CA PRO B 9 4.35 3.32 11.30
C PRO B 9 3.95 1.93 11.79
N SER B 10 4.82 1.31 12.57
CA SER B 10 4.58 -0.07 13.01
CA SER B 10 4.65 -0.07 13.02
C SER B 10 4.16 -0.13 14.46
N ARG B 11 3.35 -1.14 14.76
CA ARG B 11 2.94 -1.33 16.16
C ARG B 11 4.14 -1.59 17.06
N ALA B 12 5.14 -2.29 16.54
CA ALA B 12 6.33 -2.59 17.33
C ALA B 12 7.06 -1.31 17.72
N SER B 13 6.98 -0.28 16.87
CA SER B 13 7.84 0.89 17.04
C SER B 13 7.52 1.71 18.28
N ILE B 14 6.30 1.60 18.81
CA ILE B 14 5.90 2.43 19.94
C ILE B 14 6.20 1.79 21.29
N LEU B 15 6.69 0.55 21.30
CA LEU B 15 6.99 -0.16 22.54
C LEU B 15 8.38 0.24 23.01
N SER B 16 8.46 0.80 24.21
CA SER B 16 9.73 1.32 24.71
C SER B 16 9.73 1.51 26.22
N GLY B 17 9.81 0.41 26.97
CA GLY B 17 9.92 0.50 28.41
C GLY B 17 8.69 0.12 29.21
CU CU1 C . 5.86 8.61 1.87
CA CA D . -0.81 3.62 -4.00
CA CA E . -3.82 15.06 -1.80
CL CL F . -17.11 6.93 -2.42
#